data_2BRC
#
_entry.id   2BRC
#
_cell.length_a   74.001
_cell.length_b   74.001
_cell.length_c   110.792
_cell.angle_alpha   90.00
_cell.angle_beta   90.00
_cell.angle_gamma   90.00
#
_symmetry.space_group_name_H-M   'P 43 2 2'
#
loop_
_entity.id
_entity.type
_entity.pdbx_description
1 polymer 'ATP-DEPENDENT MOLECULAR CHAPERONE HSP82'
2 non-polymer 4-[4-(2,3-DIHYDRO-1,4-BENZODIOXIN-6-YL)-3-METHYL-1H-PYRAZOL-5-YL]-6-ETHYLBENZENE-1,3-DIOL
3 water water
#
_entity_poly.entity_id   1
_entity_poly.type   'polypeptide(L)'
_entity_poly.pdbx_seq_one_letter_code
;MASETFEFQAEITQLMSLIINTVYSNKEIFLRELISNASDALDKIRYKSLSDPKQLETEPDLFIRITPKPEQKVLEIRDS
GIGMTKAELINNLGTIAKSGTKAFMEALSAGADVSMIGQFGVGFYSLFLVADRVQVISKSNDDEQYIWESNAGGSFTVTL
DEVNERIGRGTILRLFLKDDQLEYLEEKRIKEVIKRHSEFVAYPIQLVVTKEVE
;
_entity_poly.pdbx_strand_id   A
#
loop_
_chem_comp.id
_chem_comp.type
_chem_comp.name
_chem_comp.formula
CT5 non-polymer 4-[4-(2,3-DIHYDRO-1,4-BENZODIOXIN-6-YL)-3-METHYL-1H-PYRAZOL-5-YL]-6-ETHYLBENZENE-1,3-DIOL 'C20 H20 N2 O4'
#
# COMPACT_ATOMS: atom_id res chain seq x y z
N MET A 1 5.00 21.84 -6.09
CA MET A 1 5.20 21.78 -7.56
C MET A 1 3.98 21.18 -8.28
N ALA A 2 4.02 21.22 -9.59
CA ALA A 2 2.92 20.73 -10.38
C ALA A 2 2.97 19.22 -10.42
N SER A 3 1.79 18.64 -10.40
CA SER A 3 1.61 17.21 -10.54
C SER A 3 1.68 16.85 -12.02
N GLU A 4 2.07 15.61 -12.32
CA GLU A 4 2.00 15.10 -13.68
C GLU A 4 0.93 14.00 -13.66
N THR A 5 0.17 13.89 -14.74
CA THR A 5 -0.92 12.93 -14.81
C THR A 5 -0.59 11.82 -15.81
N PHE A 6 -0.93 10.59 -15.44
CA PHE A 6 -0.65 9.41 -16.26
C PHE A 6 -1.87 8.52 -16.35
N GLU A 7 -1.99 7.77 -17.44
CA GLU A 7 -3.11 6.87 -17.58
C GLU A 7 -2.72 5.46 -17.11
N PHE A 8 -3.62 4.80 -16.37
CA PHE A 8 -3.36 3.38 -16.02
C PHE A 8 -3.55 2.49 -17.24
N GLN A 9 -2.84 1.37 -17.26
CA GLN A 9 -3.19 0.31 -18.22
C GLN A 9 -4.67 -0.03 -17.97
N ALA A 10 -5.47 -0.20 -19.04
CA ALA A 10 -6.92 -0.27 -18.85
C ALA A 10 -7.37 -1.42 -17.96
N GLU A 11 -6.67 -2.54 -18.02
CA GLU A 11 -7.09 -3.67 -17.18
C GLU A 11 -6.94 -3.38 -15.69
N ILE A 12 -5.99 -2.53 -15.32
CA ILE A 12 -5.87 -2.13 -13.90
C ILE A 12 -7.06 -1.26 -13.49
N THR A 13 -7.49 -0.37 -14.39
CA THR A 13 -8.66 0.45 -14.15
C THR A 13 -9.91 -0.45 -14.00
N GLN A 14 -10.01 -1.49 -14.82
CA GLN A 14 -11.09 -2.46 -14.66
C GLN A 14 -11.04 -3.13 -13.30
N LEU A 15 -9.87 -3.58 -12.90
CA LEU A 15 -9.77 -4.24 -11.59
C LEU A 15 -10.13 -3.30 -10.44
N MET A 16 -9.63 -2.08 -10.50
CA MET A 16 -9.96 -1.14 -9.41
C MET A 16 -11.44 -0.90 -9.29
N SER A 17 -12.10 -0.79 -10.43
CA SER A 17 -13.55 -0.55 -10.48
C SER A 17 -14.30 -1.71 -9.83
N LEU A 18 -13.91 -2.93 -10.15
CA LEU A 18 -14.53 -4.13 -9.55
C LEU A 18 -14.35 -4.14 -8.03
N ILE A 19 -13.15 -3.75 -7.58
CA ILE A 19 -12.85 -3.89 -6.15
C ILE A 19 -13.50 -2.79 -5.33
N ILE A 20 -13.45 -1.54 -5.83
CA ILE A 20 -14.02 -0.43 -5.09
C ILE A 20 -15.53 -0.61 -4.98
N ASN A 21 -16.11 -1.30 -5.96
CA ASN A 21 -17.57 -1.48 -5.92
C ASN A 21 -18.07 -2.79 -5.33
N THR A 22 -17.21 -3.79 -5.14
CA THR A 22 -17.72 -5.09 -4.76
C THR A 22 -18.32 -5.12 -3.38
N VAL A 23 -19.32 -5.97 -3.22
CA VAL A 23 -19.93 -6.10 -1.90
C VAL A 23 -19.36 -7.28 -1.11
N TYR A 24 -18.22 -7.82 -1.55
CA TYR A 24 -17.47 -8.87 -0.83
C TYR A 24 -17.44 -8.63 0.68
N SER A 25 -17.73 -9.68 1.46
CA SER A 25 -17.86 -9.51 2.89
C SER A 25 -16.56 -9.26 3.66
N ASN A 26 -15.52 -10.00 3.31
CA ASN A 26 -14.30 -10.07 4.11
C ASN A 26 -13.29 -8.98 3.74
N LYS A 27 -13.70 -7.73 3.87
CA LYS A 27 -12.84 -6.60 3.43
C LYS A 27 -11.53 -6.54 4.19
N GLU A 28 -11.48 -7.12 5.38
CA GLU A 28 -10.26 -7.01 6.18
C GLU A 28 -8.99 -7.63 5.53
N ILE A 29 -9.15 -8.43 4.47
CA ILE A 29 -8.02 -9.05 3.82
C ILE A 29 -7.06 -8.03 3.20
N PHE A 30 -7.54 -6.81 3.04
CA PHE A 30 -6.65 -5.79 2.45
C PHE A 30 -5.38 -5.66 3.27
N LEU A 31 -5.52 -5.76 4.59
CA LEU A 31 -4.35 -5.48 5.47
C LEU A 31 -3.26 -6.53 5.29
N ARG A 32 -3.65 -7.79 5.20
CA ARG A 32 -2.66 -8.80 4.89
C ARG A 32 -1.89 -8.56 3.62
N GLU A 33 -2.60 -8.14 2.57
CA GLU A 33 -1.90 -7.96 1.32
C GLU A 33 -0.93 -6.77 1.41
N LEU A 34 -1.31 -5.73 2.10
CA LEU A 34 -0.41 -4.56 2.17
C LEU A 34 0.77 -4.86 3.11
N ILE A 35 0.55 -5.65 4.16
CA ILE A 35 1.65 -6.05 5.05
C ILE A 35 2.61 -6.97 4.26
N SER A 36 2.04 -7.85 3.46
CA SER A 36 2.87 -8.70 2.61
C SER A 36 3.73 -7.88 1.64
N ASN A 37 3.13 -6.87 1.00
CA ASN A 37 3.92 -6.04 0.10
C ASN A 37 5.05 -5.28 0.81
N ALA A 38 4.71 -4.77 1.99
CA ALA A 38 5.70 -4.09 2.86
C ALA A 38 6.86 -5.04 3.17
N SER A 39 6.51 -6.26 3.55
CA SER A 39 7.54 -7.26 3.89
C SER A 39 8.40 -7.53 2.68
N ASP A 40 7.79 -7.65 1.51
CA ASP A 40 8.57 -7.90 0.31
C ASP A 40 9.54 -6.76 0.05
N ALA A 41 9.10 -5.50 0.24
CA ALA A 41 9.98 -4.38 -0.02
C ALA A 41 11.14 -4.33 0.96
N LEU A 42 10.87 -4.76 2.19
CA LEU A 42 11.92 -4.83 3.22
C LEU A 42 12.89 -5.99 2.84
N ASP A 43 12.36 -7.08 2.30
CA ASP A 43 13.22 -8.16 1.83
C ASP A 43 14.15 -7.62 0.81
N LYS A 44 13.63 -6.79 -0.08
CA LYS A 44 14.45 -6.28 -1.17
C LYS A 44 15.61 -5.40 -0.70
N ILE A 45 15.36 -4.49 0.23
CA ILE A 45 16.46 -3.67 0.68
C ILE A 45 17.48 -4.48 1.50
N ARG A 46 17.01 -5.48 2.25
CA ARG A 46 17.93 -6.31 3.03
C ARG A 46 18.83 -7.05 2.05
N TYR A 47 18.23 -7.63 1.03
CA TYR A 47 19.01 -8.41 0.05
C TYR A 47 19.99 -7.51 -0.71
N LYS A 48 19.53 -6.33 -1.13
CA LYS A 48 20.38 -5.41 -1.87
C LYS A 48 21.57 -5.04 -1.00
N SER A 49 21.34 -4.87 0.30
CA SER A 49 22.36 -4.40 1.21
C SER A 49 23.44 -5.47 1.48
N LEU A 50 23.20 -6.71 1.10
CA LEU A 50 24.20 -7.78 1.30
C LEU A 50 25.46 -7.43 0.57
N SER A 51 25.33 -6.76 -0.56
CA SER A 51 26.49 -6.34 -1.35
C SER A 51 26.67 -4.84 -1.48
N ASP A 52 25.81 -4.07 -0.81
CA ASP A 52 25.90 -2.60 -0.86
C ASP A 52 25.34 -2.12 0.51
N PRO A 53 26.04 -2.40 1.58
CA PRO A 53 25.63 -2.08 2.95
C PRO A 53 25.26 -0.61 3.20
N LYS A 54 25.84 0.32 2.45
CA LYS A 54 25.54 1.73 2.69
C LYS A 54 24.07 1.99 2.40
N GLN A 55 23.46 1.10 1.64
CA GLN A 55 22.05 1.33 1.27
C GLN A 55 21.14 1.38 2.46
N LEU A 56 21.51 0.72 3.55
CA LEU A 56 20.68 0.73 4.73
C LEU A 56 20.78 2.03 5.52
N GLU A 57 21.83 2.82 5.28
CA GLU A 57 22.11 3.98 6.14
C GLU A 57 21.05 5.07 6.16
N THR A 58 20.25 5.14 5.10
CA THR A 58 19.20 6.15 5.04
C THR A 58 18.09 5.88 6.02
N GLU A 59 18.02 4.65 6.52
CA GLU A 59 17.02 4.27 7.52
C GLU A 59 17.39 2.87 7.98
N PRO A 60 18.27 2.82 8.99
CA PRO A 60 18.79 1.54 9.44
C PRO A 60 17.78 0.65 10.10
N ASP A 61 16.67 1.21 10.60
CA ASP A 61 15.63 0.45 11.29
C ASP A 61 14.69 -0.15 10.22
N LEU A 62 14.48 -1.48 10.28
CA LEU A 62 13.60 -2.23 9.33
C LEU A 62 12.30 -2.58 10.02
N PHE A 63 11.20 -1.97 9.58
CA PHE A 63 9.92 -2.11 10.28
C PHE A 63 8.73 -1.91 9.34
N ILE A 64 7.58 -2.35 9.83
CA ILE A 64 6.29 -2.03 9.21
C ILE A 64 5.54 -1.29 10.32
N ARG A 65 4.90 -0.18 9.98
CA ARG A 65 4.28 0.66 11.00
C ARG A 65 2.91 1.08 10.53
N ILE A 66 1.91 0.90 11.39
CA ILE A 66 0.55 1.22 11.01
C ILE A 66 0.09 2.37 11.90
N THR A 67 -0.41 3.46 11.30
CA THR A 67 -0.85 4.69 12.01
C THR A 67 -2.24 5.10 11.59
N PRO A 68 -3.22 4.87 12.45
CA PRO A 68 -4.53 5.45 12.16
C PRO A 68 -4.53 6.94 12.43
N LYS A 69 -5.21 7.70 11.57
CA LYS A 69 -5.38 9.14 11.70
C LYS A 69 -6.87 9.44 11.63
N PRO A 70 -7.53 9.24 12.78
CA PRO A 70 -9.00 9.31 12.84
C PRO A 70 -9.60 10.60 12.30
N GLU A 71 -9.09 11.77 12.70
CA GLU A 71 -9.67 13.02 12.24
C GLU A 71 -9.71 13.14 10.73
N GLN A 72 -8.71 12.60 10.04
CA GLN A 72 -8.72 12.64 8.58
C GLN A 72 -9.32 11.38 7.93
N LYS A 73 -9.77 10.42 8.73
CA LYS A 73 -10.31 9.18 8.22
C LYS A 73 -9.29 8.52 7.35
N VAL A 74 -8.08 8.52 7.87
CA VAL A 74 -6.96 7.92 7.12
C VAL A 74 -6.30 6.81 7.89
N LEU A 75 -5.87 5.76 7.17
CA LEU A 75 -5.03 4.72 7.79
C LEU A 75 -3.73 4.69 6.99
N GLU A 76 -2.58 4.84 7.66
CA GLU A 76 -1.27 4.76 6.96
C GLU A 76 -0.56 3.46 7.26
N ILE A 77 0.07 2.86 6.24
CA ILE A 77 0.86 1.63 6.43
C ILE A 77 2.20 2.00 5.82
N ARG A 78 3.20 2.03 6.70
CA ARG A 78 4.54 2.46 6.31
C ARG A 78 5.51 1.29 6.41
N ASP A 79 6.48 1.28 5.52
CA ASP A 79 7.59 0.35 5.71
C ASP A 79 8.87 1.12 5.40
N SER A 80 9.97 0.58 5.91
CA SER A 80 11.29 1.13 5.57
C SER A 80 11.99 0.22 4.54
N GLY A 81 11.22 -0.31 3.61
CA GLY A 81 11.76 -1.10 2.50
C GLY A 81 12.51 -0.29 1.47
N ILE A 82 12.67 -0.92 0.29
CA ILE A 82 13.51 -0.35 -0.74
C ILE A 82 12.94 0.95 -1.34
N GLY A 83 11.63 1.19 -1.16
CA GLY A 83 11.09 2.38 -1.77
C GLY A 83 10.93 2.26 -3.29
N MET A 84 10.39 3.32 -3.90
CA MET A 84 10.20 3.39 -5.33
C MET A 84 10.57 4.79 -5.83
N THR A 85 11.40 4.88 -6.88
CA THR A 85 11.67 6.14 -7.57
C THR A 85 10.41 6.59 -8.32
N LYS A 86 10.45 7.82 -8.84
CA LYS A 86 9.33 8.29 -9.67
C LYS A 86 9.00 7.30 -10.78
N ALA A 87 10.04 6.84 -11.48
CA ALA A 87 9.80 5.90 -12.59
C ALA A 87 9.23 4.58 -12.10
N GLU A 88 9.66 4.11 -10.94
CA GLU A 88 9.12 2.85 -10.41
C GLU A 88 7.69 3.01 -9.98
N LEU A 89 7.35 4.17 -9.41
CA LEU A 89 5.95 4.37 -9.04
C LEU A 89 5.04 4.29 -10.26
N ILE A 90 5.44 5.00 -11.31
CA ILE A 90 4.65 5.01 -12.56
C ILE A 90 4.54 3.59 -13.10
N ASN A 91 5.66 2.87 -13.14
CA ASN A 91 5.70 1.52 -13.71
C ASN A 91 5.03 0.47 -12.82
N ASN A 92 5.43 0.40 -11.55
CA ASN A 92 4.93 -0.64 -10.65
C ASN A 92 3.44 -0.53 -10.37
N LEU A 93 2.96 0.71 -10.26
CA LEU A 93 1.58 0.91 -9.85
C LEU A 93 0.58 1.18 -10.96
N GLY A 94 1.07 1.70 -12.09
CA GLY A 94 0.18 1.98 -13.18
C GLY A 94 0.31 1.11 -14.41
N THR A 95 1.32 0.22 -14.45
CA THR A 95 1.62 -0.60 -15.64
C THR A 95 1.75 -2.13 -15.47
N ILE A 96 2.69 -2.57 -14.62
CA ILE A 96 3.11 -3.98 -14.58
C ILE A 96 2.04 -4.92 -14.07
N ALA A 97 1.05 -4.37 -13.37
CA ALA A 97 -0.05 -5.19 -12.89
C ALA A 97 -1.07 -5.58 -13.95
N LYS A 98 -0.89 -5.11 -15.19
CA LYS A 98 -1.81 -5.46 -16.25
C LYS A 98 -2.05 -6.99 -16.36
N SER A 99 -1.00 -7.79 -16.38
CA SER A 99 -1.16 -9.20 -16.65
C SER A 99 -1.88 -9.91 -15.50
N GLY A 100 -1.40 -9.69 -14.28
CA GLY A 100 -2.08 -10.28 -13.14
C GLY A 100 -3.55 -9.88 -13.05
N THR A 101 -3.87 -8.60 -13.29
CA THR A 101 -5.23 -8.15 -13.10
C THR A 101 -6.14 -8.87 -14.08
N LYS A 102 -5.70 -9.03 -15.33
CA LYS A 102 -6.54 -9.72 -16.30
C LYS A 102 -6.88 -11.14 -15.89
N ALA A 103 -5.85 -11.91 -15.57
CA ALA A 103 -6.05 -13.27 -15.10
C ALA A 103 -6.90 -13.34 -13.84
N PHE A 104 -6.67 -12.43 -12.90
CA PHE A 104 -7.48 -12.43 -11.66
C PHE A 104 -8.95 -12.13 -11.96
N MET A 105 -9.22 -11.17 -12.84
CA MET A 105 -10.61 -10.89 -13.14
C MET A 105 -11.34 -12.06 -13.77
N GLU A 106 -10.62 -12.81 -14.59
CA GLU A 106 -11.24 -14.00 -15.20
C GLU A 106 -11.54 -15.02 -14.11
N ALA A 107 -10.61 -15.15 -13.14
CA ALA A 107 -10.86 -16.03 -12.01
C ALA A 107 -12.07 -15.56 -11.19
N LEU A 108 -12.18 -14.25 -10.94
CA LEU A 108 -13.32 -13.71 -10.22
C LEU A 108 -14.58 -14.08 -10.99
N SER A 109 -14.54 -13.97 -12.31
CA SER A 109 -15.71 -14.28 -13.12
C SER A 109 -16.25 -15.67 -12.81
N ALA A 110 -15.31 -16.58 -12.60
CA ALA A 110 -15.63 -18.00 -12.44
C ALA A 110 -16.01 -18.36 -11.04
N GLY A 111 -15.77 -17.46 -10.09
CA GLY A 111 -16.14 -17.69 -8.72
C GLY A 111 -15.03 -17.62 -7.69
N ALA A 112 -13.82 -17.27 -8.11
CA ALA A 112 -12.71 -17.20 -7.14
C ALA A 112 -13.00 -16.22 -6.03
N ASP A 113 -12.49 -16.53 -4.85
CA ASP A 113 -12.63 -15.59 -3.77
C ASP A 113 -11.71 -14.37 -3.99
N VAL A 114 -12.24 -13.19 -3.69
CA VAL A 114 -11.44 -11.96 -3.81
C VAL A 114 -10.13 -12.12 -3.02
N SER A 115 -10.14 -12.93 -1.97
CA SER A 115 -8.92 -13.12 -1.18
C SER A 115 -7.76 -13.75 -1.93
N MET A 116 -8.01 -14.32 -3.11
CA MET A 116 -6.92 -14.86 -3.92
C MET A 116 -6.07 -13.80 -4.60
N ILE A 117 -6.47 -12.53 -4.45
CA ILE A 117 -5.85 -11.46 -5.23
C ILE A 117 -4.33 -11.46 -5.13
N GLY A 118 -3.77 -11.74 -3.96
CA GLY A 118 -2.32 -11.74 -3.81
C GLY A 118 -1.60 -12.82 -4.61
N GLN A 119 -2.28 -13.94 -4.81
CA GLN A 119 -1.70 -15.00 -5.60
C GLN A 119 -1.59 -14.65 -7.06
N PHE A 120 -2.30 -13.60 -7.47
CA PHE A 120 -2.18 -13.12 -8.84
C PHE A 120 -1.26 -11.92 -8.91
N GLY A 121 -0.66 -11.56 -7.78
CA GLY A 121 0.38 -10.54 -7.76
C GLY A 121 -0.12 -9.11 -7.78
N VAL A 122 -1.41 -8.95 -7.51
CA VAL A 122 -2.04 -7.65 -7.61
C VAL A 122 -2.77 -7.23 -6.33
N GLY A 123 -2.34 -7.82 -5.20
CA GLY A 123 -2.91 -7.51 -3.91
C GLY A 123 -2.96 -6.05 -3.48
N PHE A 124 -2.10 -5.22 -4.06
CA PHE A 124 -2.07 -3.82 -3.73
C PHE A 124 -3.45 -3.22 -3.91
N TYR A 125 -4.14 -3.64 -4.98
CA TYR A 125 -5.39 -3.01 -5.32
C TYR A 125 -6.55 -3.39 -4.42
N SER A 126 -6.30 -4.37 -3.55
CA SER A 126 -7.29 -4.73 -2.54
C SER A 126 -7.56 -3.57 -1.57
N LEU A 127 -6.70 -2.55 -1.53
CA LEU A 127 -6.98 -1.43 -0.65
C LEU A 127 -8.31 -0.77 -1.00
N PHE A 128 -8.77 -0.90 -2.26
CA PHE A 128 -10.03 -0.26 -2.59
C PHE A 128 -11.27 -0.95 -2.03
N LEU A 129 -11.05 -2.05 -1.32
CA LEU A 129 -12.16 -2.63 -0.55
C LEU A 129 -12.54 -1.70 0.60
N VAL A 130 -11.55 -1.02 1.18
CA VAL A 130 -11.83 -0.15 2.32
C VAL A 130 -11.61 1.29 2.10
N ALA A 131 -10.91 1.65 1.02
CA ALA A 131 -10.57 3.02 0.75
C ALA A 131 -11.08 3.50 -0.60
N ASP A 132 -11.41 4.78 -0.70
CA ASP A 132 -11.78 5.31 -2.00
C ASP A 132 -10.72 6.14 -2.65
N ARG A 133 -9.58 6.26 -2.01
CA ARG A 133 -8.50 7.08 -2.54
C ARG A 133 -7.25 6.66 -1.77
N VAL A 134 -6.10 6.73 -2.45
CA VAL A 134 -4.82 6.35 -1.82
C VAL A 134 -3.76 7.26 -2.33
N GLN A 135 -2.85 7.62 -1.42
CA GLN A 135 -1.58 8.26 -1.81
C GLN A 135 -0.52 7.28 -1.43
N VAL A 136 0.35 6.97 -2.41
CA VAL A 136 1.53 6.18 -2.11
C VAL A 136 2.69 7.17 -2.03
N ILE A 137 3.30 7.33 -0.85
CA ILE A 137 4.40 8.32 -0.72
C ILE A 137 5.66 7.49 -0.64
N SER A 138 6.65 7.74 -1.49
CA SER A 138 7.76 6.76 -1.45
C SER A 138 9.08 7.49 -1.64
N LYS A 139 10.10 6.92 -1.00
CA LYS A 139 11.48 7.45 -1.12
C LYS A 139 12.42 6.29 -1.33
N SER A 140 12.95 6.23 -2.54
CA SER A 140 13.99 5.25 -2.84
C SER A 140 15.34 5.96 -2.59
N ASN A 141 16.40 5.21 -2.26
CA ASN A 141 17.71 5.87 -2.14
C ASN A 141 18.13 6.52 -3.46
N ASP A 142 17.47 6.13 -4.56
CA ASP A 142 17.90 6.59 -5.88
C ASP A 142 17.13 7.77 -6.46
N ASP A 143 16.20 8.32 -5.67
CA ASP A 143 15.42 9.46 -6.14
C ASP A 143 14.92 10.28 -4.97
N GLU A 144 14.28 11.38 -5.30
CA GLU A 144 13.59 12.22 -4.35
C GLU A 144 12.31 11.57 -3.87
N GLN A 145 11.69 12.15 -2.83
CA GLN A 145 10.41 11.62 -2.31
C GLN A 145 9.29 12.08 -3.24
N TYR A 146 8.42 11.14 -3.63
CA TYR A 146 7.29 11.42 -4.55
C TYR A 146 5.99 10.89 -3.99
N ILE A 147 4.88 11.47 -4.50
CA ILE A 147 3.52 11.06 -4.08
C ILE A 147 2.79 10.59 -5.32
N TRP A 148 2.33 9.35 -5.32
CA TRP A 148 1.49 8.80 -6.39
C TRP A 148 0.07 8.77 -5.83
N GLU A 149 -0.91 9.26 -6.60
CA GLU A 149 -2.28 9.30 -6.04
C GLU A 149 -3.28 8.75 -7.01
N SER A 150 -4.24 7.99 -6.46
CA SER A 150 -5.30 7.39 -7.29
C SER A 150 -6.62 7.39 -6.55
N ASN A 151 -7.71 7.57 -7.30
CA ASN A 151 -9.04 7.45 -6.72
C ASN A 151 -9.78 6.37 -7.43
N ALA A 152 -9.03 5.36 -7.87
CA ALA A 152 -9.57 4.18 -8.58
C ALA A 152 -10.09 4.53 -9.97
N GLY A 153 -9.87 5.76 -10.41
CA GLY A 153 -10.27 6.16 -11.75
C GLY A 153 -9.16 5.79 -12.73
N GLY A 154 -9.33 6.18 -13.99
CA GLY A 154 -8.41 5.77 -15.04
C GLY A 154 -7.07 6.48 -15.11
N SER A 155 -6.91 7.53 -14.33
CA SER A 155 -5.67 8.30 -14.34
C SER A 155 -5.12 8.44 -12.92
N PHE A 156 -3.80 8.59 -12.82
CA PHE A 156 -3.19 8.84 -11.51
C PHE A 156 -2.21 10.00 -11.64
N THR A 157 -1.81 10.57 -10.51
CA THR A 157 -0.86 11.65 -10.57
C THR A 157 0.39 11.25 -9.81
N VAL A 158 1.48 11.91 -10.19
CA VAL A 158 2.73 11.75 -9.46
C VAL A 158 3.25 13.17 -9.24
N THR A 159 3.62 13.47 -8.00
CA THR A 159 4.01 14.84 -7.60
C THR A 159 5.25 14.76 -6.70
N LEU A 160 6.25 15.60 -7.00
CA LEU A 160 7.40 15.69 -6.12
C LEU A 160 6.87 16.13 -4.75
N ASP A 161 7.32 15.47 -3.70
CA ASP A 161 6.77 15.64 -2.34
C ASP A 161 7.38 16.82 -1.55
N GLU A 162 6.63 17.89 -1.40
CA GLU A 162 7.05 19.00 -0.56
C GLU A 162 6.00 19.22 0.54
N VAL A 163 5.22 18.19 0.87
CA VAL A 163 4.14 18.36 1.86
C VAL A 163 4.06 17.34 2.99
N ASN A 164 4.72 16.19 2.83
CA ASN A 164 4.66 15.14 3.84
C ASN A 164 5.93 15.02 4.67
N GLU A 165 5.85 14.35 5.80
CA GLU A 165 7.07 14.10 6.57
C GLU A 165 8.10 13.40 5.70
N ARG A 166 9.38 13.68 5.91
CA ARG A 166 10.40 12.94 5.19
C ARG A 166 10.44 11.51 5.68
N ILE A 167 10.52 10.60 4.71
CA ILE A 167 10.66 9.17 4.95
C ILE A 167 12.22 9.06 4.78
N GLY A 168 12.89 8.31 5.57
CA GLY A 168 14.31 8.21 5.32
C GLY A 168 14.48 7.36 4.08
N ARG A 169 13.74 6.25 4.08
CA ARG A 169 13.67 5.36 2.90
C ARG A 169 12.46 4.49 3.13
N GLY A 170 11.73 4.19 2.04
CA GLY A 170 10.57 3.32 2.16
C GLY A 170 9.32 3.91 1.56
N THR A 171 8.19 3.42 2.06
CA THR A 171 6.94 3.79 1.41
C THR A 171 5.85 3.90 2.47
N ILE A 172 4.96 4.88 2.27
CA ILE A 172 3.73 4.99 3.06
C ILE A 172 2.55 4.84 2.14
N LEU A 173 1.64 3.95 2.47
CA LEU A 173 0.38 3.86 1.79
C LEU A 173 -0.59 4.60 2.70
N ARG A 174 -1.12 5.71 2.19
CA ARG A 174 -2.04 6.53 2.97
C ARG A 174 -3.44 6.26 2.39
N LEU A 175 -4.25 5.53 3.15
CA LEU A 175 -5.56 5.07 2.69
C LEU A 175 -6.60 6.05 3.23
N PHE A 176 -7.41 6.59 2.32
CA PHE A 176 -8.53 7.44 2.75
C PHE A 176 -9.72 6.52 2.80
N LEU A 177 -10.07 6.15 4.02
CA LEU A 177 -11.09 5.15 4.25
C LEU A 177 -12.49 5.59 3.85
N LYS A 178 -13.23 4.61 3.34
CA LYS A 178 -14.67 4.83 3.03
C LYS A 178 -15.42 5.08 4.34
N ASP A 179 -16.54 5.78 4.24
CA ASP A 179 -17.28 6.18 5.45
C ASP A 179 -17.81 5.01 6.27
N ASP A 180 -18.00 3.86 5.65
CA ASP A 180 -18.51 2.73 6.39
C ASP A 180 -17.42 1.74 6.77
N GLN A 181 -16.15 2.15 6.60
CA GLN A 181 -15.08 1.26 6.94
C GLN A 181 -14.16 1.87 8.01
N LEU A 182 -14.72 2.76 8.83
CA LEU A 182 -13.89 3.41 9.83
C LEU A 182 -13.46 2.49 10.96
N GLU A 183 -13.94 1.25 10.97
CA GLU A 183 -13.51 0.36 12.05
C GLU A 183 -11.99 0.12 11.97
N TYR A 184 -11.44 0.35 10.79
CA TYR A 184 -10.01 0.07 10.63
C TYR A 184 -9.14 1.16 11.19
N LEU A 185 -9.76 2.13 11.85
CA LEU A 185 -9.04 3.17 12.61
C LEU A 185 -8.88 2.73 14.06
N GLU A 186 -9.63 1.72 14.46
CA GLU A 186 -9.60 1.29 15.87
C GLU A 186 -8.47 0.31 16.23
N GLU A 187 -7.79 0.60 17.34
CA GLU A 187 -6.69 -0.23 17.80
C GLU A 187 -7.01 -1.70 17.93
N LYS A 188 -8.12 -2.01 18.57
CA LYS A 188 -8.45 -3.41 18.83
C LYS A 188 -8.71 -4.16 17.50
N ARG A 189 -9.42 -3.51 16.60
CA ARG A 189 -9.72 -4.09 15.29
C ARG A 189 -8.45 -4.36 14.49
N ILE A 190 -7.59 -3.34 14.41
CA ILE A 190 -6.33 -3.55 13.70
C ILE A 190 -5.50 -4.70 14.24
N LYS A 191 -5.33 -4.78 15.58
CA LYS A 191 -4.51 -5.82 16.12
C LYS A 191 -5.13 -7.18 15.81
N GLU A 192 -6.46 -7.25 15.83
CA GLU A 192 -7.17 -8.50 15.59
C GLU A 192 -6.95 -8.98 14.16
N VAL A 193 -6.97 -8.03 13.22
CA VAL A 193 -6.75 -8.38 11.81
C VAL A 193 -5.32 -8.87 11.53
N ILE A 194 -4.34 -8.20 12.11
CA ILE A 194 -2.93 -8.56 11.95
C ILE A 194 -2.65 -9.92 12.51
N LYS A 195 -3.14 -10.16 13.73
CA LYS A 195 -2.85 -11.41 14.40
C LYS A 195 -3.42 -12.56 13.63
N ARG A 196 -4.52 -12.31 12.94
CA ARG A 196 -5.20 -13.36 12.21
C ARG A 196 -4.52 -13.80 10.91
N HIS A 197 -4.14 -12.84 10.08
CA HIS A 197 -3.70 -13.18 8.74
C HIS A 197 -2.24 -12.91 8.47
N SER A 198 -1.51 -12.34 9.42
CA SER A 198 -0.10 -12.06 9.16
C SER A 198 0.80 -12.53 10.30
N GLU A 199 0.81 -13.84 10.60
CA GLU A 199 1.61 -14.39 11.74
C GLU A 199 3.13 -14.59 11.51
N PHE A 200 3.50 -14.84 10.27
CA PHE A 200 4.89 -15.13 9.97
C PHE A 200 5.52 -14.01 9.19
N VAL A 201 5.69 -12.88 9.85
CA VAL A 201 6.32 -11.72 9.22
C VAL A 201 7.64 -11.54 9.93
N ALA A 202 8.71 -11.36 9.17
CA ALA A 202 10.06 -11.33 9.74
C ALA A 202 10.40 -10.00 10.41
N TYR A 203 9.58 -8.98 10.20
CA TYR A 203 9.86 -7.62 10.66
C TYR A 203 8.87 -7.22 11.73
N PRO A 204 9.24 -6.31 12.63
CA PRO A 204 8.29 -5.86 13.66
C PRO A 204 7.16 -5.12 13.00
N ILE A 205 5.95 -5.38 13.46
CA ILE A 205 4.78 -4.64 12.98
C ILE A 205 4.38 -3.73 14.14
N GLN A 206 4.57 -2.43 13.94
CA GLN A 206 4.32 -1.43 14.98
C GLN A 206 2.98 -0.78 14.77
N LEU A 207 2.24 -0.53 15.85
CA LEU A 207 0.96 0.13 15.78
C LEU A 207 1.09 1.40 16.60
N VAL A 208 0.76 2.52 15.96
CA VAL A 208 0.89 3.84 16.57
C VAL A 208 -0.49 4.23 17.04
N VAL A 209 -0.58 4.35 18.36
CA VAL A 209 -1.84 4.59 19.05
C VAL A 209 -1.75 5.91 19.77
N THR A 210 -2.82 6.70 19.65
CA THR A 210 -2.84 7.99 20.28
C THR A 210 -3.84 7.94 21.41
N LYS A 211 -3.42 8.25 22.62
CA LYS A 211 -4.34 8.25 23.75
C LYS A 211 -4.24 9.47 24.65
N GLU A 212 -5.37 9.80 25.26
CA GLU A 212 -5.43 10.96 26.12
C GLU A 212 -4.86 10.66 27.50
N VAL A 213 -4.04 11.57 27.99
CA VAL A 213 -3.47 11.40 29.30
C VAL A 213 -4.50 11.90 30.28
N GLU A 214 -4.90 11.05 31.23
CA GLU A 214 -5.92 11.48 32.19
C GLU A 214 -5.33 11.67 33.58
C15 CT5 B . 6.44 -4.19 -3.40
C12 CT5 B . 5.66 -5.23 -3.91
O17 CT5 B . 5.14 -6.20 -3.10
O18 CT5 B . 4.63 -6.33 -5.87
C16 CT5 B . 5.40 -5.30 -5.36
C22 CT5 B . 5.94 -4.31 -6.17
C20 CT5 B . 6.72 -3.26 -5.64
C8 CT5 B . 6.94 -3.20 -4.25
C4 CT5 B . 7.76 -2.10 -3.65
C1 CT5 B . 9.14 -1.73 -3.96
C7 CT5 B . 10.09 -2.33 -4.93
N5 CT5 B . 9.40 -0.71 -3.11
C2 CT5 B . 7.32 -1.16 -2.58
N3 CT5 B . 8.30 -0.38 -2.28
C6 CT5 B . 5.95 -1.26 -2.05
C10 CT5 B . 4.89 -1.42 -2.94
C14 CT5 B . 3.64 -1.53 -2.42
C26 CT5 B . 2.43 -1.72 -3.31
C27 CT5 B . 2.78 -2.41 -4.61
C13 CT5 B . 3.42 -1.46 -0.97
C17 CT5 B . 4.85 -7.47 -3.71
O25 CT5 B . 2.13 -1.62 -0.58
C11 CT5 B . 4.48 -1.31 -0.09
C18 CT5 B . 3.97 -7.21 -4.94
C9 CT5 B . 5.76 -1.18 -0.61
O24 CT5 B . 6.84 -0.98 0.17
#